data_2OIK
#
_entry.id   2OIK
#
_cell.length_a   45.243
_cell.length_b   47.981
_cell.length_c   69.766
_cell.angle_alpha   108.130
_cell.angle_beta   98.220
_cell.angle_gamma   90.340
#
_symmetry.space_group_name_H-M   'P 1'
#
loop_
_entity.id
_entity.type
_entity.pdbx_description
1 polymer 'Histidine triad (HIT) protein'
2 non-polymer 'ZINC ION'
3 non-polymer 'CHLORIDE ION'
4 non-polymer GLYCEROL
5 water water
#
_entity_poly.entity_id   1
_entity_poly.type   'polypeptide(L)'
_entity_poly.pdbx_seq_one_letter_code
;G(MSE)TRT(MSE)SFHKNCELCTTAGGEILWQDALCRVVHVENQDYPGFCRVILNRHVKE(MSE)SDLRPAERDHL
(MSE)LVVFAVEEAVREV(MSE)RPDKINLASLGN(MSE)TPHVHWHVIPRFKRDRHFPNSVWGETKRESLPQALDQGST
TALKKAISVRLDQGEPVF(MSE)G(MSE)
;
_entity_poly.pdbx_strand_id   A,B,C,D
#
# COMPACT_ATOMS: atom_id res chain seq x y z
N SER A 7 3.07 -5.42 11.86
CA SER A 7 3.48 -4.62 13.06
C SER A 7 4.77 -5.16 13.66
N PHE A 8 4.68 -6.33 14.30
CA PHE A 8 5.81 -7.05 14.94
C PHE A 8 5.64 -8.54 14.69
N HIS A 9 6.50 -9.10 13.85
CA HIS A 9 6.61 -10.55 13.65
C HIS A 9 7.65 -11.08 14.62
N LYS A 10 7.19 -11.90 15.58
CA LYS A 10 8.06 -12.48 16.62
C LYS A 10 9.27 -13.24 16.05
N ASN A 11 9.21 -13.68 14.78
CA ASN A 11 10.34 -14.43 14.18
C ASN A 11 11.23 -13.64 13.18
N CYS A 12 10.95 -12.35 13.02
CA CYS A 12 11.76 -11.42 12.20
C CYS A 12 12.87 -10.79 13.03
N GLU A 13 14.13 -11.04 12.67
CA GLU A 13 15.28 -10.51 13.41
CA GLU A 13 15.28 -10.51 13.44
C GLU A 13 15.25 -8.98 13.52
N LEU A 14 14.68 -8.32 12.53
CA LEU A 14 14.62 -6.86 12.58
C LEU A 14 13.43 -6.30 13.37
N CYS A 15 12.51 -7.16 13.74
CA CYS A 15 11.47 -6.82 14.74
C CYS A 15 12.01 -7.06 16.12
N THR A 16 12.86 -8.09 16.27
CA THR A 16 13.25 -8.56 17.58
C THR A 16 14.64 -8.11 18.04
N THR A 17 15.43 -7.53 17.13
CA THR A 17 16.79 -7.10 17.47
C THR A 17 17.08 -5.71 16.92
N ALA A 18 17.97 -5.01 17.62
CA ALA A 18 18.46 -3.69 17.20
C ALA A 18 19.08 -3.74 15.80
N GLY A 19 19.93 -4.74 15.55
CA GLY A 19 20.54 -4.93 14.22
C GLY A 19 21.98 -4.46 14.13
N GLY A 20 22.49 -4.00 15.27
CA GLY A 20 23.78 -3.35 15.39
C GLY A 20 23.73 -2.28 16.47
N GLU A 21 24.82 -1.54 16.60
CA GLU A 21 24.89 -0.45 17.58
C GLU A 21 24.07 0.72 17.07
N ILE A 22 23.07 1.10 17.85
CA ILE A 22 22.19 2.17 17.44
C ILE A 22 22.89 3.51 17.55
N LEU A 23 22.88 4.24 16.43
CA LEU A 23 23.54 5.54 16.30
C LEU A 23 22.53 6.70 16.36
N TRP A 24 21.32 6.45 15.88
CA TRP A 24 20.29 7.46 15.82
C TRP A 24 18.99 6.70 15.74
N GLN A 25 17.93 7.30 16.28
CA GLN A 25 16.60 6.77 16.06
C GLN A 25 15.51 7.80 16.29
N ASP A 26 14.38 7.52 15.67
CA ASP A 26 13.17 8.25 15.92
C ASP A 26 12.03 7.26 15.86
N ALA A 27 10.80 7.77 15.81
CA ALA A 27 9.61 6.94 15.80
C ALA A 27 9.57 6.04 14.59
N LEU A 28 9.89 6.59 13.42
CA LEU A 28 9.79 5.84 12.18
C LEU A 28 10.87 4.79 12.01
N CYS A 29 12.11 5.10 12.42
CA CYS A 29 13.26 4.25 12.04
C CYS A 29 14.45 4.36 12.96
N ARG A 30 15.45 3.52 12.73
CA ARG A 30 16.69 3.58 13.46
C ARG A 30 17.88 3.33 12.53
N VAL A 31 19.01 3.90 12.89
CA VAL A 31 20.27 3.75 12.18
C VAL A 31 21.25 3.01 13.07
N VAL A 32 21.86 1.98 12.51
CA VAL A 32 22.79 1.14 13.27
C VAL A 32 24.11 1.01 12.54
N HIS A 33 25.20 0.86 13.28
CA HIS A 33 26.48 0.44 12.73
C HIS A 33 26.49 -1.07 12.83
N VAL A 34 26.64 -1.69 11.68
CA VAL A 34 26.71 -3.13 11.54
C VAL A 34 28.17 -3.46 11.73
N GLU A 35 28.53 -4.34 12.63
CA GLU A 35 29.95 -4.55 12.82
C GLU A 35 30.48 -5.64 11.87
N ASN A 36 30.77 -5.24 10.65
CA ASN A 36 31.21 -6.16 9.61
C ASN A 36 32.72 -6.04 9.50
N GLN A 37 33.42 -7.15 9.69
CA GLN A 37 34.89 -7.12 9.69
C GLN A 37 35.55 -6.65 8.41
N ASP A 38 34.86 -6.79 7.28
CA ASP A 38 35.40 -6.43 5.97
C ASP A 38 34.93 -5.02 5.53
N TYR A 39 33.93 -4.48 6.22
CA TYR A 39 33.36 -3.19 5.85
C TYR A 39 33.11 -2.35 7.10
N PRO A 40 34.20 -1.83 7.72
CA PRO A 40 33.98 -0.86 8.81
C PRO A 40 33.16 0.34 8.30
N GLY A 41 32.20 0.81 9.11
CA GLY A 41 31.35 1.95 8.72
C GLY A 41 30.11 1.58 7.96
N PHE A 42 29.92 0.28 7.69
CA PHE A 42 28.69 -0.23 7.06
C PHE A 42 27.57 0.05 8.07
N CYS A 43 26.59 0.81 7.65
CA CYS A 43 25.42 1.16 8.46
C CYS A 43 24.13 0.69 7.80
N ARG A 44 23.07 0.54 8.61
CA ARG A 44 21.76 0.21 8.09
C ARG A 44 20.72 1.17 8.66
N VAL A 45 19.79 1.62 7.82
CA VAL A 45 18.59 2.34 8.26
C VAL A 45 17.44 1.33 8.27
N ILE A 46 16.94 1.01 9.47
CA ILE A 46 15.94 -0.05 9.64
C ILE A 46 14.61 0.61 10.03
N LEU A 47 13.56 0.37 9.26
CA LEU A 47 12.22 0.82 9.62
C LEU A 47 11.81 0.12 10.93
N ASN A 48 11.21 0.87 11.84
CA ASN A 48 10.86 0.29 13.12
C ASN A 48 9.75 -0.75 12.95
N ARG A 49 8.70 -0.42 12.22
CA ARG A 49 7.66 -1.44 12.07
C ARG A 49 7.88 -2.37 10.89
N HIS A 50 7.20 -3.51 10.92
CA HIS A 50 7.42 -4.55 9.96
C HIS A 50 6.60 -4.26 8.74
N VAL A 51 7.27 -3.81 7.69
CA VAL A 51 6.66 -3.52 6.40
C VAL A 51 7.60 -4.12 5.36
N LYS A 52 7.03 -4.74 4.34
CA LYS A 52 7.80 -5.51 3.37
C LYS A 52 8.53 -4.69 2.31
N GLU A 53 7.82 -3.74 1.69
CA GLU A 53 8.29 -2.95 0.52
C GLU A 53 8.26 -1.47 0.85
N SER A 55 7.11 0.60 -1.23
CA SER A 55 5.85 1.08 -1.80
C SER A 55 4.62 0.61 -1.01
N ASP A 56 4.87 -0.11 0.08
CA ASP A 56 3.86 -0.35 1.13
C ASP A 56 3.68 0.86 2.08
N LEU A 57 4.63 1.79 2.08
CA LEU A 57 4.65 2.93 3.00
C LEU A 57 3.87 4.08 2.39
N ARG A 58 3.33 4.99 3.20
CA ARG A 58 2.74 6.21 2.62
C ARG A 58 3.86 7.07 2.09
N PRO A 59 3.60 7.83 1.01
CA PRO A 59 4.63 8.70 0.47
C PRO A 59 5.42 9.54 1.50
N ALA A 60 4.77 10.06 2.54
CA ALA A 60 5.44 10.88 3.55
C ALA A 60 6.40 10.06 4.38
N GLU A 61 6.07 8.80 4.59
CA GLU A 61 6.94 7.91 5.34
C GLU A 61 8.15 7.51 4.52
N ARG A 62 7.91 7.26 3.22
CA ARG A 62 8.94 6.94 2.23
C ARG A 62 9.99 8.04 2.23
N ASP A 63 9.48 9.26 2.10
CA ASP A 63 10.32 10.44 2.09
C ASP A 63 11.13 10.65 3.35
N HIS A 64 10.49 10.56 4.51
CA HIS A 64 11.20 10.67 5.76
C HIS A 64 12.32 9.63 5.83
N LEU A 65 12.01 8.38 5.50
CA LEU A 65 12.98 7.31 5.53
C LEU A 65 14.14 7.64 4.60
N LEU A 67 15.22 10.54 3.55
CA LEU A 67 16.05 11.62 4.13
C LEU A 67 17.04 11.11 5.19
N VAL A 68 16.66 10.10 5.96
CA VAL A 68 17.56 9.50 6.93
C VAL A 68 18.66 8.75 6.21
N VAL A 69 18.30 8.02 5.16
CA VAL A 69 19.28 7.27 4.35
C VAL A 69 20.33 8.21 3.75
N PHE A 70 19.90 9.33 3.19
CA PHE A 70 20.85 10.24 2.57
C PHE A 70 21.74 10.96 3.61
N ALA A 71 21.21 11.18 4.80
CA ALA A 71 21.98 11.79 5.87
C ALA A 71 23.03 10.78 6.32
N VAL A 72 22.70 9.49 6.30
CA VAL A 72 23.63 8.45 6.71
C VAL A 72 24.67 8.27 5.59
N GLU A 73 24.26 8.31 4.33
CA GLU A 73 25.27 8.36 3.25
C GLU A 73 26.31 9.49 3.45
N GLU A 74 25.82 10.70 3.66
CA GLU A 74 26.67 11.86 3.89
C GLU A 74 27.60 11.67 5.09
N ALA A 75 27.09 11.12 6.19
CA ALA A 75 27.93 10.86 7.36
C ALA A 75 29.02 9.82 7.09
N VAL A 76 28.66 8.73 6.42
CA VAL A 76 29.62 7.69 6.07
C VAL A 76 30.70 8.24 5.13
N ARG A 77 30.30 9.04 4.14
CA ARG A 77 31.25 9.68 3.22
C ARG A 77 32.29 10.52 3.99
N GLU A 78 31.77 11.38 4.87
CA GLU A 78 32.58 12.27 5.69
C GLU A 78 33.53 11.53 6.65
N VAL A 79 33.03 10.53 7.36
CA VAL A 79 33.84 9.84 8.36
C VAL A 79 34.76 8.83 7.75
N ARG A 81 35.47 8.44 4.30
CA ARG A 81 36.07 8.87 3.04
C ARG A 81 36.24 7.69 2.05
N PRO A 82 35.11 7.05 1.67
CA PRO A 82 35.21 5.88 0.80
C PRO A 82 35.36 6.26 -0.66
N ASP A 83 35.77 5.28 -1.45
CA ASP A 83 35.83 5.45 -2.89
C ASP A 83 34.46 5.45 -3.52
N LYS A 84 33.54 4.69 -2.97
CA LYS A 84 32.14 4.70 -3.49
C LYS A 84 31.18 4.33 -2.37
N ILE A 85 29.96 4.85 -2.43
CA ILE A 85 28.85 4.45 -1.59
C ILE A 85 27.92 3.47 -2.32
N ASN A 86 27.53 2.39 -1.65
CA ASN A 86 26.46 1.55 -2.17
C ASN A 86 25.26 1.64 -1.21
N LEU A 87 24.11 1.85 -1.81
CA LEU A 87 22.80 1.79 -1.13
C LEU A 87 21.95 0.65 -1.68
N ALA A 88 21.24 -0.05 -0.81
CA ALA A 88 20.36 -1.16 -1.26
C ALA A 88 19.31 -1.48 -0.22
N SER A 89 18.11 -1.80 -0.72
CA SER A 89 17.01 -2.38 0.06
C SER A 89 16.63 -3.64 -0.70
N LEU A 90 17.03 -4.76 -0.16
CA LEU A 90 16.82 -6.05 -0.75
C LEU A 90 15.73 -6.80 0.02
N GLY A 91 15.98 -7.36 1.20
CA GLY A 91 14.87 -7.94 1.96
C GLY A 91 14.42 -9.33 1.55
N ASN A 92 15.21 -10.01 0.74
CA ASN A 92 14.86 -11.37 0.32
C ASN A 92 14.90 -12.39 1.47
N THR A 94 15.08 -11.37 4.90
CA THR A 94 14.36 -10.70 5.96
C THR A 94 13.54 -9.56 5.34
N PRO A 95 12.29 -9.86 4.98
CA PRO A 95 11.36 -8.93 4.30
C PRO A 95 10.75 -7.85 5.24
N HIS A 96 11.64 -7.01 5.77
CA HIS A 96 11.29 -5.95 6.70
C HIS A 96 12.19 -4.83 6.23
N VAL A 97 11.60 -3.75 5.74
CA VAL A 97 12.31 -2.65 5.12
C VAL A 97 13.54 -2.18 5.91
N HIS A 98 14.68 -2.21 5.22
CA HIS A 98 15.96 -1.80 5.78
C HIS A 98 16.91 -1.48 4.63
N TRP A 99 17.70 -0.40 4.79
CA TRP A 99 18.61 0.09 3.77
C TRP A 99 20.03 -0.15 4.22
N HIS A 100 20.82 -0.81 3.36
CA HIS A 100 22.28 -0.93 3.60
C HIS A 100 22.96 0.32 3.02
N VAL A 101 23.83 0.93 3.81
CA VAL A 101 24.59 2.12 3.36
C VAL A 101 26.03 1.72 3.51
N ILE A 102 26.71 1.41 2.41
CA ILE A 102 28.00 0.70 2.53
C ILE A 102 29.14 1.53 1.95
N PRO A 103 30.15 1.82 2.75
CA PRO A 103 31.36 2.46 2.20
C PRO A 103 32.22 1.43 1.47
N ARG A 104 32.52 1.70 0.20
CA ARG A 104 33.36 0.80 -0.61
C ARG A 104 34.70 1.45 -0.93
N PHE A 105 35.73 0.62 -1.06
CA PHE A 105 37.07 1.03 -1.42
C PHE A 105 37.60 0.15 -2.53
N LYS A 106 38.42 0.76 -3.39
CA LYS A 106 38.96 0.10 -4.57
C LYS A 106 39.70 -1.20 -4.30
N ARG A 107 40.30 -1.30 -3.13
CA ARG A 107 40.90 -2.54 -2.74
C ARG A 107 40.19 -3.20 -1.56
N ASP A 108 38.88 -3.01 -1.41
CA ASP A 108 38.12 -3.79 -0.40
C ASP A 108 37.96 -5.26 -0.88
N ARG A 109 37.45 -6.14 -0.01
CA ARG A 109 37.31 -7.54 -0.33
C ARG A 109 36.70 -7.86 -1.72
N HIS A 110 35.69 -7.11 -2.14
CA HIS A 110 34.87 -7.47 -3.29
C HIS A 110 35.00 -6.52 -4.51
N PHE A 111 35.60 -5.34 -4.34
CA PHE A 111 35.52 -4.29 -5.37
C PHE A 111 36.10 -4.76 -6.70
N PRO A 112 35.42 -4.47 -7.81
CA PRO A 112 34.16 -3.76 -8.04
C PRO A 112 32.92 -4.63 -7.98
N ASN A 113 33.00 -5.85 -7.44
CA ASN A 113 31.76 -6.61 -7.21
C ASN A 113 30.95 -5.96 -6.10
N SER A 114 29.68 -6.33 -5.96
CA SER A 114 28.87 -5.86 -4.85
C SER A 114 29.39 -6.66 -3.71
N VAL A 115 29.07 -6.27 -2.48
CA VAL A 115 29.53 -7.03 -1.34
C VAL A 115 28.86 -8.39 -1.25
N TRP A 116 27.82 -8.65 -2.03
CA TRP A 116 27.14 -9.94 -2.08
C TRP A 116 27.71 -10.87 -3.17
N GLY A 117 28.71 -10.36 -3.92
CA GLY A 117 29.26 -11.07 -5.06
C GLY A 117 30.49 -11.83 -4.68
N GLU A 118 31.29 -12.15 -5.71
CA GLU A 118 32.53 -12.91 -5.51
C GLU A 118 33.62 -12.06 -4.83
N THR A 119 34.29 -12.68 -3.87
CA THR A 119 35.46 -12.12 -3.23
C THR A 119 36.58 -11.96 -4.23
N LYS A 120 37.28 -10.81 -4.18
CA LYS A 120 38.36 -10.49 -5.14
C LYS A 120 39.74 -10.50 -4.51
N ARG A 121 39.89 -10.17 -3.25
CA ARG A 121 41.21 -10.07 -2.68
C ARG A 121 41.16 -10.24 -1.17
N GLU A 122 42.32 -10.50 -0.60
CA GLU A 122 42.47 -10.44 0.84
C GLU A 122 42.39 -8.96 1.21
N SER A 123 41.86 -8.71 2.38
CA SER A 123 41.73 -7.35 2.86
C SER A 123 41.87 -7.41 4.37
N LEU A 124 42.30 -6.30 4.97
CA LEU A 124 42.35 -6.23 6.45
C LEU A 124 42.13 -4.78 6.90
N PRO A 125 40.86 -4.30 6.80
CA PRO A 125 40.54 -2.95 7.26
C PRO A 125 40.36 -2.90 8.79
N GLN A 126 40.86 -1.83 9.42
CA GLN A 126 40.78 -1.73 10.89
C GLN A 126 39.33 -1.46 11.26
N ALA A 127 38.76 -2.32 12.11
CA ALA A 127 37.40 -2.13 12.66
C ALA A 127 37.28 -0.74 13.28
N LEU A 128 36.07 -0.16 13.25
CA LEU A 128 35.89 1.19 13.78
C LEU A 128 36.25 1.29 15.24
N ASP A 129 36.86 2.41 15.61
CA ASP A 129 37.13 2.73 17.00
C ASP A 129 36.02 3.61 17.53
N GLN A 130 35.95 3.78 18.85
CA GLN A 130 34.92 4.60 19.46
C GLN A 130 34.88 5.99 18.82
N GLY A 131 36.07 6.50 18.49
CA GLY A 131 36.20 7.83 17.88
C GLY A 131 35.40 7.97 16.60
N SER A 132 35.51 6.97 15.74
CA SER A 132 34.83 6.99 14.44
C SER A 132 33.35 6.81 14.59
N THR A 133 33.00 5.89 15.47
CA THR A 133 31.61 5.59 15.75
C THR A 133 30.93 6.86 16.27
N THR A 134 31.62 7.55 17.16
CA THR A 134 31.15 8.83 17.74
C THR A 134 30.96 9.86 16.64
N ALA A 135 31.98 9.98 15.79
CA ALA A 135 31.96 10.90 14.67
C ALA A 135 30.79 10.64 13.73
N LEU A 136 30.49 9.37 13.48
CA LEU A 136 29.31 8.99 12.71
C LEU A 136 28.03 9.43 13.38
N LYS A 137 27.93 9.17 14.69
CA LYS A 137 26.73 9.60 15.40
C LYS A 137 26.55 11.11 15.29
N LYS A 138 27.63 11.87 15.45
CA LYS A 138 27.57 13.34 15.40
C LYS A 138 27.14 13.82 14.02
N ALA A 139 27.69 13.19 12.99
CA ALA A 139 27.45 13.60 11.62
C ALA A 139 26.02 13.32 11.22
N ILE A 140 25.48 12.21 11.66
CA ILE A 140 24.06 11.92 11.40
C ILE A 140 23.17 12.91 12.15
N SER A 141 23.46 13.13 13.43
CA SER A 141 22.67 14.02 14.27
C SER A 141 22.62 15.45 13.74
N VAL A 142 23.76 15.92 13.26
CA VAL A 142 23.89 17.25 12.70
C VAL A 142 22.89 17.49 11.60
N ARG A 143 22.67 16.47 10.79
CA ARG A 143 21.88 16.55 9.57
C ARG A 143 20.39 16.29 9.83
N LEU A 144 20.08 15.57 10.91
CA LEU A 144 18.71 15.13 11.19
C LEU A 144 18.06 15.81 12.38
N ASP A 145 18.86 16.16 13.39
CA ASP A 145 18.40 16.95 14.53
C ASP A 145 18.84 18.40 14.32
N SER B 7 29.89 15.77 -16.61
CA SER B 7 28.73 16.06 -17.51
C SER B 7 28.49 14.88 -18.44
N PHE B 8 29.39 14.72 -19.42
CA PHE B 8 29.43 13.57 -20.34
C PHE B 8 30.81 12.93 -20.35
N HIS B 9 30.93 11.74 -19.77
CA HIS B 9 32.17 10.97 -19.79
C HIS B 9 32.17 9.98 -20.94
N LYS B 10 33.00 10.23 -21.95
CA LYS B 10 32.95 9.44 -23.18
C LYS B 10 33.23 7.92 -22.99
N ASN B 11 33.84 7.54 -21.87
CA ASN B 11 34.14 6.12 -21.58
C ASN B 11 33.15 5.48 -20.58
N CYS B 12 32.06 6.19 -20.29
CA CYS B 12 31.02 5.73 -19.37
C CYS B 12 29.83 5.16 -20.14
N GLU B 13 29.58 3.90 -19.85
CA GLU B 13 28.51 3.11 -20.46
C GLU B 13 27.18 3.84 -20.37
N LEU B 14 26.92 4.50 -19.24
CA LEU B 14 25.63 5.19 -19.03
C LEU B 14 25.59 6.62 -19.55
N CYS B 15 26.73 7.18 -19.97
CA CYS B 15 26.67 8.41 -20.76
C CYS B 15 26.49 8.05 -22.22
N THR B 16 26.99 6.87 -22.62
CA THR B 16 27.05 6.61 -24.09
C THR B 16 26.05 5.59 -24.64
N THR B 17 25.21 5.02 -23.77
CA THR B 17 24.21 4.01 -24.18
C THR B 17 22.88 4.27 -23.48
N ALA B 18 21.79 3.84 -24.09
CA ALA B 18 20.46 4.02 -23.49
C ALA B 18 20.39 3.19 -22.22
N GLY B 19 21.02 2.02 -22.22
CA GLY B 19 21.04 1.15 -21.06
C GLY B 19 19.97 0.08 -21.09
N GLY B 20 19.14 0.10 -22.12
CA GLY B 20 18.03 -0.83 -22.26
C GLY B 20 16.97 -0.12 -23.05
N GLU B 21 15.82 -0.77 -23.20
CA GLU B 21 14.69 -0.19 -23.90
C GLU B 21 14.07 0.89 -23.03
N ILE B 22 13.91 2.10 -23.57
CA ILE B 22 13.43 3.21 -22.77
C ILE B 22 11.92 3.09 -22.51
N LEU B 23 11.55 3.20 -21.23
CA LEU B 23 10.12 3.14 -20.87
C LEU B 23 9.51 4.49 -20.57
N TRP B 24 10.33 5.43 -20.09
CA TRP B 24 9.86 6.74 -19.65
C TRP B 24 11.10 7.57 -19.49
N GLN B 25 10.99 8.87 -19.76
CA GLN B 25 12.06 9.80 -19.40
C GLN B 25 11.62 11.24 -19.27
N ASP B 26 12.42 11.99 -18.51
CA ASP B 26 12.33 13.44 -18.49
C ASP B 26 13.75 14.02 -18.55
N ALA B 27 13.86 15.31 -18.25
CA ALA B 27 15.13 16.01 -18.32
C ALA B 27 16.15 15.35 -17.44
N LEU B 28 15.74 15.01 -16.22
CA LEU B 28 16.67 14.52 -15.22
C LEU B 28 17.07 13.05 -15.43
N CYS B 29 16.13 12.21 -15.83
CA CYS B 29 16.39 10.78 -15.87
C CYS B 29 15.57 10.00 -16.90
N ARG B 30 15.95 8.74 -17.06
CA ARG B 30 15.25 7.82 -17.96
C ARG B 30 15.03 6.50 -17.26
N VAL B 31 13.90 5.86 -17.58
CA VAL B 31 13.66 4.51 -17.06
C VAL B 31 13.78 3.55 -18.21
N VAL B 32 14.55 2.49 -18.05
CA VAL B 32 14.72 1.47 -19.09
C VAL B 32 14.38 0.08 -18.56
N HIS B 33 13.94 -0.79 -19.48
CA HIS B 33 13.85 -2.22 -19.23
C HIS B 33 15.16 -2.85 -19.65
N VAL B 34 15.79 -3.54 -18.73
CA VAL B 34 17.05 -4.17 -18.92
C VAL B 34 16.70 -5.54 -19.45
N GLU B 35 17.32 -5.97 -20.52
CA GLU B 35 16.99 -7.27 -20.98
C GLU B 35 17.94 -8.26 -20.29
N ASN B 36 17.36 -8.97 -19.32
CA ASN B 36 18.05 -9.94 -18.50
C ASN B 36 17.15 -11.16 -18.54
N GLN B 37 17.65 -12.24 -19.13
CA GLN B 37 16.81 -13.41 -19.39
C GLN B 37 16.32 -14.07 -18.09
N ASP B 38 17.07 -13.89 -17.01
CA ASP B 38 16.73 -14.40 -15.69
C ASP B 38 15.74 -13.53 -14.92
N TYR B 39 15.62 -12.26 -15.32
CA TYR B 39 14.81 -11.25 -14.61
C TYR B 39 13.99 -10.37 -15.53
N PRO B 40 12.95 -10.95 -16.14
CA PRO B 40 12.00 -10.11 -16.87
C PRO B 40 11.47 -9.09 -15.89
N GLY B 41 11.27 -7.87 -16.37
CA GLY B 41 10.80 -6.78 -15.55
C GLY B 41 11.85 -6.02 -14.74
N PHE B 42 13.12 -6.46 -14.74
CA PHE B 42 14.25 -5.67 -14.27
C PHE B 42 14.26 -4.31 -14.98
N CYS B 43 14.06 -3.24 -14.21
CA CYS B 43 14.14 -1.89 -14.75
C CYS B 43 15.28 -1.15 -14.09
N ARG B 44 15.74 -0.10 -14.74
CA ARG B 44 16.74 0.80 -14.17
C ARG B 44 16.31 2.26 -14.35
N VAL B 45 16.57 3.03 -13.32
CA VAL B 45 16.34 4.49 -13.38
C VAL B 45 17.77 5.11 -13.41
N ILE B 46 18.11 5.68 -14.57
CA ILE B 46 19.43 6.19 -14.86
C ILE B 46 19.37 7.70 -14.92
N LEU B 47 20.19 8.36 -14.11
CA LEU B 47 20.32 9.80 -14.19
C LEU B 47 20.87 10.15 -15.58
N ASN B 48 20.35 11.20 -16.17
CA ASN B 48 20.71 11.52 -17.54
C ASN B 48 22.09 12.13 -17.63
N ARG B 49 22.55 12.78 -16.58
CA ARG B 49 23.91 13.30 -16.59
C ARG B 49 24.80 12.51 -15.68
N HIS B 50 26.09 12.70 -15.86
CA HIS B 50 27.05 11.93 -15.07
C HIS B 50 27.31 12.50 -13.66
N VAL B 51 26.95 11.72 -12.65
CA VAL B 51 27.07 12.16 -11.27
C VAL B 51 27.37 10.90 -10.56
N LYS B 52 28.27 10.92 -9.57
CA LYS B 52 28.81 9.72 -8.98
C LYS B 52 27.91 9.18 -7.87
N GLU B 53 27.57 10.03 -6.92
CA GLU B 53 26.78 9.65 -5.73
C GLU B 53 25.43 10.30 -5.65
N SER B 55 24.19 11.62 -3.01
CA SER B 55 24.39 12.83 -2.20
C SER B 55 25.18 13.93 -2.94
N ASP B 56 25.78 13.62 -4.08
CA ASP B 56 26.27 14.65 -4.99
C ASP B 56 25.13 15.41 -5.66
N LEU B 57 23.91 14.88 -5.60
CA LEU B 57 22.75 15.61 -6.17
C LEU B 57 22.20 16.67 -5.22
N ARG B 58 21.61 17.70 -5.82
CA ARG B 58 20.81 18.67 -5.06
C ARG B 58 19.63 17.92 -4.42
N PRO B 59 19.25 18.31 -3.19
CA PRO B 59 18.09 17.62 -2.62
C PRO B 59 16.82 17.61 -3.51
N ALA B 60 16.55 18.65 -4.29
CA ALA B 60 15.40 18.60 -5.20
C ALA B 60 15.55 17.49 -6.22
N GLU B 61 16.78 17.27 -6.69
CA GLU B 61 17.08 16.18 -7.64
C GLU B 61 17.06 14.79 -7.03
N ARG B 62 17.55 14.62 -5.79
CA ARG B 62 17.44 13.35 -5.11
C ARG B 62 16.01 12.97 -4.96
N ASP B 63 15.20 13.96 -4.58
CA ASP B 63 13.80 13.73 -4.26
C ASP B 63 13.06 13.26 -5.48
N HIS B 64 13.29 13.96 -6.58
CA HIS B 64 12.60 13.65 -7.81
C HIS B 64 13.04 12.29 -8.36
N LEU B 65 14.34 12.03 -8.36
CA LEU B 65 14.81 10.73 -8.80
C LEU B 65 14.13 9.61 -7.98
N LEU B 67 11.26 9.71 -6.43
CA LEU B 67 9.88 9.60 -6.88
C LEU B 67 9.74 8.71 -8.11
N VAL B 68 10.67 8.84 -9.03
CA VAL B 68 10.62 8.07 -10.24
C VAL B 68 10.89 6.60 -9.86
N VAL B 69 11.84 6.38 -8.98
CA VAL B 69 12.21 5.04 -8.55
C VAL B 69 11.00 4.34 -7.91
N PHE B 70 10.29 5.04 -7.04
CA PHE B 70 9.13 4.48 -6.34
C PHE B 70 7.93 4.27 -7.26
N ALA B 71 7.78 5.13 -8.25
CA ALA B 71 6.79 4.88 -9.30
C ALA B 71 7.09 3.58 -10.06
N VAL B 72 8.36 3.41 -10.44
CA VAL B 72 8.81 2.21 -11.18
C VAL B 72 8.61 0.94 -10.35
N GLU B 73 8.95 1.03 -9.06
CA GLU B 73 8.64 -0.04 -8.11
C GLU B 73 7.15 -0.45 -8.14
N GLU B 74 6.26 0.55 -8.04
CA GLU B 74 4.86 0.27 -8.00
C GLU B 74 4.37 -0.35 -9.32
N ALA B 75 4.90 0.14 -10.44
CA ALA B 75 4.55 -0.36 -11.76
C ALA B 75 5.01 -1.82 -11.94
N VAL B 76 6.23 -2.13 -11.51
CA VAL B 76 6.78 -3.47 -11.57
C VAL B 76 5.94 -4.44 -10.71
N ARG B 77 5.55 -3.98 -9.52
CA ARG B 77 4.75 -4.81 -8.66
C ARG B 77 3.38 -5.12 -9.33
N GLU B 78 2.79 -4.12 -9.98
CA GLU B 78 1.50 -4.27 -10.60
C GLU B 78 1.55 -5.21 -11.78
N VAL B 79 2.61 -5.12 -12.58
CA VAL B 79 2.69 -5.87 -13.82
C VAL B 79 3.25 -7.27 -13.58
N ARG B 81 3.84 -8.80 -10.40
CA ARG B 81 3.42 -9.44 -9.14
C ARG B 81 4.52 -10.31 -8.54
N PRO B 82 5.67 -9.67 -8.22
CA PRO B 82 6.81 -10.40 -7.67
C PRO B 82 6.61 -10.73 -6.18
N ASP B 83 7.35 -11.70 -5.71
CA ASP B 83 7.46 -11.98 -4.28
C ASP B 83 8.19 -10.87 -3.49
N LYS B 84 9.17 -10.22 -4.12
CA LYS B 84 9.96 -9.18 -3.45
C LYS B 84 10.47 -8.20 -4.50
N ILE B 85 10.60 -6.93 -4.12
CA ILE B 85 11.32 -5.94 -4.91
C ILE B 85 12.71 -5.76 -4.31
N ASN B 86 13.75 -5.68 -5.17
CA ASN B 86 15.07 -5.24 -4.73
C ASN B 86 15.36 -3.89 -5.39
N LEU B 87 15.83 -2.95 -4.58
CA LEU B 87 16.21 -1.58 -5.03
C LEU B 87 17.69 -1.39 -4.73
N ALA B 88 18.46 -0.86 -5.68
CA ALA B 88 19.90 -0.67 -5.38
C ALA B 88 20.60 0.34 -6.29
N SER B 89 21.48 1.11 -5.66
CA SER B 89 22.37 2.05 -6.33
C SER B 89 23.76 1.63 -5.90
N LEU B 90 24.54 1.06 -6.82
CA LEU B 90 25.86 0.54 -6.41
C LEU B 90 26.95 1.36 -7.13
N GLY B 91 27.07 1.19 -8.45
CA GLY B 91 27.93 2.03 -9.26
C GLY B 91 29.40 1.76 -9.08
N ASN B 92 29.71 0.54 -8.66
CA ASN B 92 31.07 0.19 -8.45
C ASN B 92 31.81 0.06 -9.78
N THR B 94 30.32 1.18 -12.78
CA THR B 94 29.98 2.37 -13.54
C THR B 94 29.45 3.44 -12.59
N PRO B 95 30.34 4.33 -12.10
CA PRO B 95 29.98 5.37 -11.11
C PRO B 95 29.21 6.55 -11.72
N HIS B 96 28.00 6.24 -12.18
CA HIS B 96 27.04 7.15 -12.76
C HIS B 96 25.74 6.70 -12.08
N VAL B 97 25.10 7.60 -11.36
CA VAL B 97 23.92 7.26 -10.56
C VAL B 97 22.89 6.52 -11.35
N HIS B 98 22.51 5.35 -10.89
CA HIS B 98 21.42 4.56 -11.45
C HIS B 98 20.91 3.58 -10.41
N TRP B 99 19.60 3.34 -10.46
CA TRP B 99 18.88 2.46 -9.55
C TRP B 99 18.36 1.24 -10.31
N HIS B 100 18.74 0.08 -9.81
CA HIS B 100 18.15 -1.20 -10.19
C HIS B 100 16.81 -1.36 -9.42
N VAL B 101 15.74 -1.66 -10.17
CA VAL B 101 14.41 -2.00 -9.62
C VAL B 101 14.12 -3.44 -10.10
N ILE B 102 14.35 -4.41 -9.22
CA ILE B 102 14.33 -5.81 -9.62
C ILE B 102 13.18 -6.61 -8.99
N PRO B 103 12.30 -7.20 -9.84
CA PRO B 103 11.25 -8.09 -9.38
C PRO B 103 11.85 -9.44 -9.11
N ARG B 104 11.70 -9.88 -7.89
CA ARG B 104 12.20 -11.16 -7.49
C ARG B 104 11.06 -12.16 -7.26
N PHE B 105 11.36 -13.46 -7.49
CA PHE B 105 10.45 -14.57 -7.25
C PHE B 105 11.13 -15.70 -6.52
N LYS B 106 10.40 -16.41 -5.66
CA LYS B 106 10.92 -17.62 -4.99
C LYS B 106 11.55 -18.66 -5.95
N ARG B 107 11.03 -18.71 -7.17
CA ARG B 107 11.54 -19.62 -8.18
C ARG B 107 12.55 -19.00 -9.14
N ASP B 108 12.99 -17.78 -8.86
CA ASP B 108 14.02 -17.14 -9.71
C ASP B 108 15.40 -17.78 -9.48
N ARG B 109 16.37 -17.44 -10.33
CA ARG B 109 17.66 -18.10 -10.32
C ARG B 109 18.41 -18.09 -8.98
N HIS B 110 18.29 -16.98 -8.26
CA HIS B 110 19.14 -16.72 -7.06
C HIS B 110 18.44 -16.75 -5.70
N PHE B 111 17.12 -16.72 -5.67
CA PHE B 111 16.37 -16.47 -4.41
C PHE B 111 16.67 -17.50 -3.34
N PRO B 112 16.86 -17.06 -2.09
CA PRO B 112 16.81 -15.74 -1.48
C PRO B 112 18.14 -14.96 -1.48
N ASN B 113 19.10 -15.37 -2.31
CA ASN B 113 20.31 -14.61 -2.55
C ASN B 113 19.95 -13.38 -3.31
N SER B 114 20.86 -12.41 -3.30
CA SER B 114 20.72 -11.23 -4.17
C SER B 114 20.98 -11.77 -5.58
N VAL B 115 20.60 -11.03 -6.63
CA VAL B 115 20.89 -11.40 -7.99
C VAL B 115 22.36 -11.39 -8.40
N TRP B 116 23.21 -10.84 -7.52
CA TRP B 116 24.65 -10.77 -7.69
C TRP B 116 25.33 -11.92 -7.00
N GLY B 117 24.56 -12.74 -6.26
CA GLY B 117 25.11 -13.87 -5.51
C GLY B 117 25.05 -15.20 -6.26
N GLU B 118 25.13 -16.29 -5.50
CA GLU B 118 25.19 -17.62 -6.07
C GLU B 118 23.83 -18.09 -6.53
N THR B 119 23.86 -18.85 -7.61
CA THR B 119 22.62 -19.37 -8.16
CA THR B 119 22.69 -19.47 -8.25
C THR B 119 22.19 -20.56 -7.31
N LYS B 120 20.88 -20.67 -7.12
CA LYS B 120 20.29 -21.71 -6.27
C LYS B 120 19.50 -22.74 -7.08
N ARG B 121 19.07 -22.36 -8.28
CA ARG B 121 18.21 -23.22 -9.06
C ARG B 121 18.20 -22.82 -10.53
N GLU B 122 17.67 -23.74 -11.34
CA GLU B 122 17.45 -23.47 -12.75
C GLU B 122 16.22 -22.62 -12.85
N SER B 123 16.27 -21.65 -13.73
CA SER B 123 15.13 -20.81 -13.94
C SER B 123 15.28 -20.23 -15.33
N LEU B 124 14.43 -20.69 -16.25
CA LEU B 124 14.46 -20.22 -17.63
C LEU B 124 13.16 -19.47 -17.93
N PRO B 125 13.03 -18.22 -17.43
CA PRO B 125 11.74 -17.53 -17.56
C PRO B 125 11.44 -17.01 -18.97
N GLN B 126 10.16 -16.74 -19.21
CA GLN B 126 9.72 -16.14 -20.47
C GLN B 126 10.12 -14.67 -20.43
N ALA B 127 10.92 -14.26 -21.41
CA ALA B 127 11.17 -12.84 -21.67
C ALA B 127 9.84 -12.12 -21.87
N LEU B 128 9.79 -10.84 -21.48
CA LEU B 128 8.54 -10.07 -21.55
C LEU B 128 7.96 -9.95 -22.96
N ASP B 129 6.67 -10.21 -23.08
CA ASP B 129 5.93 -9.93 -24.31
C ASP B 129 5.82 -8.41 -24.51
N GLN B 130 5.33 -8.00 -25.67
CA GLN B 130 5.09 -6.59 -25.99
C GLN B 130 4.01 -6.02 -25.08
N GLY B 131 3.06 -6.87 -24.69
CA GLY B 131 1.98 -6.47 -23.79
C GLY B 131 2.45 -6.13 -22.39
N SER B 132 3.41 -6.90 -21.87
CA SER B 132 3.98 -6.67 -20.53
C SER B 132 4.89 -5.45 -20.47
N THR B 133 5.66 -5.26 -21.52
CA THR B 133 6.57 -4.12 -21.61
C THR B 133 5.77 -2.85 -21.77
N THR B 134 4.74 -2.92 -22.61
CA THR B 134 3.78 -1.85 -22.78
C THR B 134 2.97 -1.58 -21.51
N ALA B 135 2.65 -2.64 -20.78
CA ALA B 135 1.97 -2.50 -19.50
C ALA B 135 2.87 -1.79 -18.48
N LEU B 136 4.16 -2.09 -18.48
CA LEU B 136 5.11 -1.34 -17.62
C LEU B 136 5.16 0.15 -17.96
N LYS B 137 5.32 0.46 -19.25
CA LYS B 137 5.31 1.85 -19.72
C LYS B 137 4.05 2.58 -19.28
N LYS B 138 2.92 1.93 -19.40
CA LYS B 138 1.64 2.59 -19.08
C LYS B 138 1.54 2.82 -17.58
N ALA B 139 1.83 1.78 -16.81
CA ALA B 139 1.83 1.87 -15.35
C ALA B 139 2.76 2.97 -14.83
N ILE B 140 3.96 3.06 -15.40
CA ILE B 140 4.91 4.10 -15.00
C ILE B 140 4.37 5.49 -15.36
N SER B 141 3.90 5.63 -16.59
CA SER B 141 3.37 6.91 -17.13
C SER B 141 2.15 7.44 -16.37
N VAL B 142 1.20 6.58 -16.04
CA VAL B 142 0.03 6.96 -15.25
CA VAL B 142 0.03 7.02 -15.27
C VAL B 142 0.43 7.60 -13.92
N ARG B 143 1.47 7.06 -13.32
CA ARG B 143 1.98 7.54 -12.03
C ARG B 143 2.79 8.85 -12.10
N LEU B 144 3.54 9.06 -13.19
CA LEU B 144 4.43 10.23 -13.32
C LEU B 144 3.95 11.39 -14.20
N ASP B 145 2.96 11.19 -15.08
CA ASP B 145 2.51 12.26 -15.99
C ASP B 145 1.18 12.93 -15.60
N SER C 7 -19.55 8.49 25.06
CA SER C 7 -19.10 7.14 24.71
C SER C 7 -20.14 6.04 24.97
N PHE C 8 -21.08 6.26 25.91
CA PHE C 8 -22.12 5.25 26.26
C PHE C 8 -23.53 5.85 26.21
N HIS C 9 -24.31 5.48 25.19
CA HIS C 9 -25.72 5.80 25.11
C HIS C 9 -26.51 4.60 25.61
N LYS C 10 -27.27 4.78 26.70
CA LYS C 10 -27.95 3.65 27.33
C LYS C 10 -29.05 3.05 26.44
N ASN C 11 -29.54 3.83 25.46
CA ASN C 11 -30.57 3.35 24.52
C ASN C 11 -30.00 2.87 23.19
N CYS C 12 -28.69 2.78 23.08
CA CYS C 12 -28.04 2.34 21.84
C CYS C 12 -27.69 0.87 21.94
N GLU C 13 -28.22 0.08 21.03
CA GLU C 13 -27.97 -1.35 21.00
C GLU C 13 -26.51 -1.76 20.92
N LEU C 14 -25.70 -0.94 20.25
CA LEU C 14 -24.26 -1.23 20.07
C LEU C 14 -23.42 -0.69 21.19
N CYS C 15 -24.03 0.09 22.08
CA CYS C 15 -23.43 0.43 23.35
C CYS C 15 -23.73 -0.62 24.44
N THR C 16 -24.92 -1.21 24.41
CA THR C 16 -25.40 -2.04 25.53
C THR C 16 -25.28 -3.54 25.30
N THR C 17 -25.09 -3.94 24.03
CA THR C 17 -25.02 -5.35 23.66
C THR C 17 -23.78 -5.63 22.83
N ALA C 18 -23.23 -6.84 22.98
CA ALA C 18 -22.08 -7.27 22.19
C ALA C 18 -22.34 -7.23 20.69
N GLY C 19 -23.56 -7.55 20.26
CA GLY C 19 -23.96 -7.49 18.84
C GLY C 19 -23.83 -8.78 18.06
N GLY C 20 -23.31 -9.80 18.72
CA GLY C 20 -23.15 -11.13 18.14
C GLY C 20 -22.13 -11.87 18.95
N GLU C 21 -21.68 -13.02 18.47
CA GLU C 21 -20.58 -13.74 19.10
C GLU C 21 -19.25 -13.07 18.86
N ILE C 22 -18.61 -12.63 19.93
CA ILE C 22 -17.33 -11.92 19.85
C ILE C 22 -16.21 -12.88 19.41
N LEU C 23 -15.62 -12.59 18.26
CA LEU C 23 -14.52 -13.37 17.67
C LEU C 23 -13.14 -12.76 17.93
N TRP C 24 -13.12 -11.44 18.13
CA TRP C 24 -11.89 -10.68 18.33
C TRP C 24 -12.24 -9.33 18.93
N GLN C 25 -11.35 -8.80 19.77
CA GLN C 25 -11.55 -7.50 20.44
C GLN C 25 -10.26 -6.77 20.71
N ASP C 26 -10.26 -5.45 20.57
CA ASP C 26 -9.23 -4.61 21.19
C ASP C 26 -9.88 -3.42 21.88
N ALA C 27 -9.08 -2.50 22.41
CA ALA C 27 -9.64 -1.31 23.06
C ALA C 27 -10.57 -0.55 22.14
N LEU C 28 -10.21 -0.45 20.86
CA LEU C 28 -10.97 0.41 19.96
C LEU C 28 -12.27 -0.21 19.45
N CYS C 29 -12.23 -1.49 19.10
CA CYS C 29 -13.35 -2.14 18.44
C CYS C 29 -13.44 -3.63 18.67
N ARG C 30 -14.54 -4.23 18.26
CA ARG C 30 -14.68 -5.68 18.37
C ARG C 30 -15.25 -6.28 17.09
N VAL C 31 -14.91 -7.54 16.85
CA VAL C 31 -15.46 -8.30 15.74
C VAL C 31 -16.42 -9.34 16.28
N VAL C 32 -17.63 -9.36 15.70
CA VAL C 32 -18.63 -10.33 16.08
C VAL C 32 -19.09 -11.14 14.87
N HIS C 33 -19.42 -12.39 15.13
CA HIS C 33 -20.20 -13.17 14.20
C HIS C 33 -21.66 -12.90 14.46
N VAL C 34 -22.35 -12.45 13.42
CA VAL C 34 -23.74 -12.16 13.50
C VAL C 34 -24.47 -13.42 13.07
N GLU C 35 -25.37 -13.90 13.90
CA GLU C 35 -26.08 -15.12 13.56
C GLU C 35 -27.24 -14.70 12.67
N ASN C 36 -27.04 -14.90 11.38
CA ASN C 36 -28.02 -14.61 10.34
C ASN C 36 -28.16 -15.92 9.57
N GLN C 37 -29.35 -16.54 9.66
CA GLN C 37 -29.58 -17.84 9.07
C GLN C 37 -29.36 -17.86 7.55
N ASP C 38 -29.58 -16.72 6.89
CA ASP C 38 -29.35 -16.61 5.43
C ASP C 38 -27.86 -16.35 5.07
N TYR C 39 -27.06 -15.88 6.05
CA TYR C 39 -25.69 -15.42 5.79
C TYR C 39 -24.71 -15.98 6.85
N PRO C 40 -24.39 -17.27 6.76
CA PRO C 40 -23.35 -17.75 7.67
C PRO C 40 -22.01 -17.04 7.36
N GLY C 41 -21.22 -16.71 8.39
CA GLY C 41 -19.96 -15.94 8.23
C GLY C 41 -20.08 -14.41 8.14
N PHE C 42 -21.30 -13.91 8.28
CA PHE C 42 -21.59 -12.48 8.34
C PHE C 42 -21.00 -11.96 9.61
N CYS C 43 -20.00 -11.09 9.48
CA CYS C 43 -19.33 -10.50 10.64
C CYS C 43 -19.58 -9.01 10.70
N ARG C 44 -19.43 -8.44 11.88
CA ARG C 44 -19.51 -7.00 12.08
C ARG C 44 -18.32 -6.55 12.89
N VAL C 45 -17.67 -5.48 12.43
CA VAL C 45 -16.66 -4.77 13.18
C VAL C 45 -17.31 -3.52 13.81
N ILE C 46 -17.38 -3.52 15.14
CA ILE C 46 -18.09 -2.50 15.89
C ILE C 46 -17.10 -1.68 16.71
N LEU C 47 -17.17 -0.37 16.54
CA LEU C 47 -16.42 0.53 17.41
C LEU C 47 -16.92 0.38 18.82
N ASN C 48 -16.01 0.32 19.78
CA ASN C 48 -16.44 0.15 21.15
C ASN C 48 -17.19 1.39 21.63
N ARG C 49 -16.75 2.56 21.24
CA ARG C 49 -17.39 3.72 21.81
C ARG C 49 -18.43 4.30 20.86
N HIS C 50 -19.37 5.06 21.39
CA HIS C 50 -20.43 5.63 20.56
C HIS C 50 -19.93 6.79 19.74
N VAL C 51 -19.78 6.56 18.43
CA VAL C 51 -19.38 7.58 17.47
C VAL C 51 -20.28 7.42 16.26
N LYS C 52 -20.74 8.52 15.70
CA LYS C 52 -21.72 8.47 14.63
C LYS C 52 -21.12 8.17 13.25
N GLU C 53 -20.15 8.98 12.78
CA GLU C 53 -19.55 8.83 11.44
C GLU C 53 -18.08 8.41 11.47
N SER C 55 -15.89 9.85 9.67
CA SER C 55 -15.18 11.13 9.66
C SER C 55 -15.17 11.86 11.02
N ASP C 56 -15.90 11.33 11.99
CA ASP C 56 -15.85 11.82 13.36
C ASP C 56 -14.65 11.24 14.09
N LEU C 57 -14.06 10.17 13.56
CA LEU C 57 -12.91 9.53 14.20
C LEU C 57 -11.62 10.23 13.82
N ARG C 58 -10.65 10.21 14.72
CA ARG C 58 -9.28 10.66 14.42
C ARG C 58 -8.77 9.79 13.29
N PRO C 59 -7.99 10.37 12.35
CA PRO C 59 -7.44 9.59 11.24
C PRO C 59 -6.72 8.28 11.66
N ALA C 60 -5.98 8.31 12.75
CA ALA C 60 -5.37 7.09 13.25
C ALA C 60 -6.42 6.06 13.60
N GLU C 61 -7.56 6.51 14.14
CA GLU C 61 -8.63 5.60 14.52
C GLU C 61 -9.31 5.01 13.29
N ARG C 62 -9.54 5.85 12.30
CA ARG C 62 -10.12 5.39 11.04
C ARG C 62 -9.27 4.30 10.47
N ASP C 63 -7.97 4.56 10.42
CA ASP C 63 -7.04 3.62 9.81
C ASP C 63 -7.02 2.29 10.53
N HIS C 64 -6.93 2.33 11.85
CA HIS C 64 -6.92 1.09 12.63
CA HIS C 64 -6.96 1.15 12.71
C HIS C 64 -8.22 0.30 12.44
N LEU C 65 -9.37 0.96 12.52
CA LEU C 65 -10.64 0.29 12.26
C LEU C 65 -10.70 -0.37 10.87
N LEU C 67 -8.05 -1.44 9.14
CA LEU C 67 -7.16 -2.58 9.15
C LEU C 67 -7.93 -3.80 9.66
N VAL C 68 -8.71 -3.59 10.72
CA VAL C 68 -9.49 -4.67 11.32
C VAL C 68 -10.57 -5.15 10.35
N VAL C 69 -11.26 -4.23 9.67
CA VAL C 69 -12.26 -4.58 8.64
C VAL C 69 -11.65 -5.42 7.51
N PHE C 70 -10.52 -4.99 6.96
CA PHE C 70 -9.90 -5.77 5.90
C PHE C 70 -9.30 -7.11 6.37
N ALA C 71 -8.83 -7.19 7.61
CA ALA C 71 -8.40 -8.47 8.15
C ALA C 71 -9.57 -9.45 8.25
N VAL C 72 -10.73 -8.91 8.60
CA VAL C 72 -11.94 -9.72 8.70
C VAL C 72 -12.41 -10.15 7.29
N GLU C 73 -12.31 -9.25 6.30
CA GLU C 73 -12.62 -9.64 4.93
C GLU C 73 -11.73 -10.80 4.47
N GLU C 74 -10.43 -10.72 4.76
CA GLU C 74 -9.50 -11.77 4.40
C GLU C 74 -9.86 -13.11 5.06
N ALA C 75 -10.23 -13.04 6.33
CA ALA C 75 -10.55 -14.22 7.11
C ALA C 75 -11.85 -14.82 6.65
N VAL C 76 -12.84 -13.97 6.32
CA VAL C 76 -14.10 -14.43 5.78
C VAL C 76 -13.89 -15.11 4.42
N ARG C 77 -13.03 -14.51 3.58
CA ARG C 77 -12.75 -15.09 2.28
C ARG C 77 -12.09 -16.44 2.44
N GLU C 78 -11.15 -16.53 3.33
CA GLU C 78 -10.40 -17.75 3.52
C GLU C 78 -11.31 -18.89 4.02
N VAL C 79 -12.14 -18.61 5.01
CA VAL C 79 -13.00 -19.63 5.60
C VAL C 79 -14.28 -19.96 4.78
N ARG C 81 -14.95 -18.90 1.46
CA ARG C 81 -14.77 -18.88 0.02
C ARG C 81 -15.99 -18.36 -0.74
N PRO C 82 -16.40 -17.10 -0.48
CA PRO C 82 -17.61 -16.57 -1.15
C PRO C 82 -17.38 -16.13 -2.59
N ASP C 83 -18.46 -15.90 -3.34
CA ASP C 83 -18.37 -15.30 -4.66
C ASP C 83 -18.12 -13.79 -4.61
N LYS C 84 -18.57 -13.15 -3.53
CA LYS C 84 -18.34 -11.70 -3.33
C LYS C 84 -18.37 -11.35 -1.85
N ILE C 85 -17.58 -10.35 -1.48
CA ILE C 85 -17.65 -9.71 -0.15
C ILE C 85 -18.40 -8.40 -0.33
N ASN C 86 -19.34 -8.11 0.58
CA ASN C 86 -19.91 -6.80 0.65
C ASN C 86 -19.46 -6.13 1.93
N LEU C 87 -19.13 -4.84 1.85
CA LEU C 87 -18.70 -4.07 3.01
C LEU C 87 -19.61 -2.85 3.11
N ALA C 88 -20.12 -2.53 4.30
CA ALA C 88 -20.97 -1.36 4.47
C ALA C 88 -20.98 -0.80 5.91
N SER C 89 -21.01 0.52 6.00
CA SER C 89 -21.23 1.23 7.25
C SER C 89 -22.41 2.13 6.94
N LEU C 90 -23.54 1.83 7.55
CA LEU C 90 -24.77 2.54 7.20
C LEU C 90 -25.22 3.35 8.42
N GLY C 91 -25.64 2.66 9.50
CA GLY C 91 -25.97 3.31 10.75
C GLY C 91 -27.18 4.21 10.73
N ASN C 92 -28.12 3.95 9.84
CA ASN C 92 -29.34 4.73 9.78
C ASN C 92 -30.28 4.44 10.96
N THR C 94 -29.11 2.51 13.76
CA THR C 94 -28.24 2.59 14.93
C THR C 94 -26.98 3.38 14.53
N PRO C 95 -26.99 4.72 14.74
CA PRO C 95 -25.84 5.60 14.38
C PRO C 95 -24.62 5.48 15.34
N HIS C 96 -24.00 4.32 15.31
CA HIS C 96 -22.84 3.93 16.16
C HIS C 96 -22.00 3.16 15.15
N VAL C 97 -20.82 3.67 14.83
CA VAL C 97 -20.02 3.14 13.73
C VAL C 97 -19.85 1.64 13.85
N HIS C 98 -20.25 0.95 12.77
CA HIS C 98 -20.00 -0.48 12.63
C HIS C 98 -19.98 -0.88 11.16
N TRP C 99 -19.13 -1.85 10.85
CA TRP C 99 -18.99 -2.34 9.50
C TRP C 99 -19.57 -3.74 9.35
N HIS C 100 -20.45 -3.90 8.37
CA HIS C 100 -20.91 -5.21 7.95
C HIS C 100 -19.89 -5.79 6.98
N VAL C 101 -19.47 -7.04 7.22
CA VAL C 101 -18.57 -7.76 6.31
C VAL C 101 -19.31 -9.04 5.91
N ILE C 102 -19.81 -9.09 4.69
CA ILE C 102 -20.83 -10.09 4.34
C ILE C 102 -20.32 -10.97 3.18
N PRO C 103 -20.20 -12.29 3.42
CA PRO C 103 -19.87 -13.21 2.33
C PRO C 103 -21.11 -13.55 1.54
N ARG C 104 -21.07 -13.26 0.24
CA ARG C 104 -22.21 -13.45 -0.66
C ARG C 104 -21.94 -14.62 -1.60
N PHE C 105 -23.01 -15.31 -2.01
CA PHE C 105 -22.94 -16.49 -2.92
C PHE C 105 -23.98 -16.30 -3.99
N LYS C 106 -23.72 -16.79 -5.19
CA LYS C 106 -24.70 -16.69 -6.29
C LYS C 106 -26.05 -17.36 -5.93
N ARG C 107 -25.99 -18.33 -5.03
CA ARG C 107 -27.16 -19.08 -4.55
C ARG C 107 -27.78 -18.52 -3.27
N ASP C 108 -27.26 -17.39 -2.75
CA ASP C 108 -27.82 -16.85 -1.50
C ASP C 108 -29.18 -16.21 -1.76
N ARG C 109 -29.89 -15.85 -0.70
CA ARG C 109 -31.29 -15.43 -0.83
C ARG C 109 -31.49 -14.25 -1.75
N HIS C 110 -30.51 -13.32 -1.80
CA HIS C 110 -30.72 -12.05 -2.53
C HIS C 110 -29.90 -11.83 -3.80
N PHE C 111 -28.82 -12.59 -3.97
CA PHE C 111 -27.85 -12.32 -5.06
C PHE C 111 -28.50 -12.19 -6.41
N PRO C 112 -28.13 -11.15 -7.21
CA PRO C 112 -27.14 -10.09 -7.06
C PRO C 112 -27.65 -8.82 -6.41
N ASN C 113 -28.84 -8.85 -5.80
CA ASN C 113 -29.29 -7.72 -4.96
C ASN C 113 -28.42 -7.65 -3.75
N SER C 114 -28.44 -6.49 -3.12
CA SER C 114 -27.87 -6.37 -1.78
C SER C 114 -28.68 -7.23 -0.82
N VAL C 115 -28.12 -7.55 0.35
CA VAL C 115 -28.88 -8.27 1.38
C VAL C 115 -30.07 -7.52 1.99
N TRP C 116 -30.19 -6.23 1.64
CA TRP C 116 -31.25 -5.33 2.12
C TRP C 116 -32.31 -5.22 1.07
N GLY C 117 -32.12 -5.89 -0.06
CA GLY C 117 -33.04 -5.77 -1.17
C GLY C 117 -34.04 -6.91 -1.22
N GLU C 118 -34.60 -7.11 -2.39
CA GLU C 118 -35.63 -8.16 -2.62
C GLU C 118 -35.04 -9.55 -2.72
N THR C 119 -35.76 -10.51 -2.15
CA THR C 119 -35.39 -11.92 -2.21
CA THR C 119 -35.37 -11.91 -2.19
C THR C 119 -35.51 -12.43 -3.63
N LYS C 120 -34.57 -13.26 -4.05
CA LYS C 120 -34.60 -13.78 -5.44
C LYS C 120 -34.88 -15.25 -5.49
N ARG C 121 -34.54 -15.95 -4.41
CA ARG C 121 -34.61 -17.40 -4.38
C ARG C 121 -34.65 -17.92 -2.93
N GLU C 122 -34.95 -19.20 -2.80
CA GLU C 122 -34.97 -19.88 -1.51
C GLU C 122 -33.54 -20.23 -1.23
N SER C 123 -33.15 -20.17 0.03
CA SER C 123 -31.82 -20.56 0.45
C SER C 123 -31.95 -21.02 1.87
N LEU C 124 -31.49 -22.22 2.17
CA LEU C 124 -31.44 -22.70 3.55
C LEU C 124 -29.99 -23.07 3.81
N PRO C 125 -29.15 -22.08 4.12
CA PRO C 125 -27.72 -22.35 4.28
C PRO C 125 -27.38 -22.97 5.65
N GLN C 126 -26.36 -23.81 5.66
CA GLN C 126 -25.93 -24.47 6.89
C GLN C 126 -25.27 -23.44 7.79
N ALA C 127 -25.85 -23.25 8.98
CA ALA C 127 -25.29 -22.39 10.02
C ALA C 127 -23.86 -22.81 10.42
N LEU C 128 -23.07 -21.84 10.86
CA LEU C 128 -21.67 -22.09 11.16
C LEU C 128 -21.47 -23.11 12.29
N ASP C 129 -20.55 -24.04 12.05
CA ASP C 129 -20.20 -25.08 13.01
C ASP C 129 -19.19 -24.45 13.95
N GLN C 130 -18.89 -25.14 15.05
CA GLN C 130 -17.85 -24.69 15.98
C GLN C 130 -16.50 -24.61 15.27
N GLY C 131 -16.27 -25.53 14.33
CA GLY C 131 -15.03 -25.56 13.55
C GLY C 131 -14.80 -24.38 12.63
N SER C 132 -15.87 -23.89 12.00
CA SER C 132 -15.82 -22.71 11.11
C SER C 132 -15.71 -21.42 11.91
N THR C 133 -16.48 -21.35 12.98
CA THR C 133 -16.40 -20.26 13.94
C THR C 133 -15.00 -20.18 14.51
N THR C 134 -14.45 -21.32 14.94
CA THR C 134 -13.09 -21.37 15.43
C THR C 134 -12.09 -20.93 14.36
N ALA C 135 -12.35 -21.37 13.13
CA ALA C 135 -11.50 -21.04 11.97
C ALA C 135 -11.53 -19.55 11.66
N LEU C 136 -12.70 -18.94 11.76
CA LEU C 136 -12.84 -17.49 11.62
C LEU C 136 -12.04 -16.79 12.70
N LYS C 137 -12.23 -17.21 13.95
CA LYS C 137 -11.50 -16.64 15.09
C LYS C 137 -10.02 -16.74 14.89
N LYS C 138 -9.54 -17.90 14.48
CA LYS C 138 -8.10 -18.08 14.28
C LYS C 138 -7.61 -17.22 13.09
N ALA C 139 -8.35 -17.21 11.98
CA ALA C 139 -7.96 -16.40 10.82
C ALA C 139 -7.90 -14.90 11.12
N ILE C 140 -8.76 -14.40 12.02
CA ILE C 140 -8.68 -12.99 12.41
C ILE C 140 -7.49 -12.82 13.33
N SER C 141 -7.37 -13.71 14.29
CA SER C 141 -6.29 -13.61 15.28
C SER C 141 -4.90 -13.62 14.64
N VAL C 142 -4.65 -14.52 13.70
CA VAL C 142 -3.31 -14.64 13.12
C VAL C 142 -2.97 -13.39 12.31
N ARG C 143 -3.98 -12.67 11.83
CA ARG C 143 -3.72 -11.41 11.14
C ARG C 143 -3.57 -10.21 12.08
N LEU C 144 -4.40 -10.14 13.14
CA LEU C 144 -4.42 -8.95 13.99
C LEU C 144 -3.64 -9.08 15.30
N ASP C 145 -3.37 -10.30 15.76
CA ASP C 145 -2.63 -10.49 17.04
C ASP C 145 -1.09 -10.66 16.84
N GLN C 146 -0.38 -9.53 16.88
CA GLN C 146 1.07 -9.45 16.55
C GLN C 146 1.72 -8.24 17.22
N SER D 7 -7.51 -6.25 -15.83
CA SER D 7 -7.29 -4.76 -15.86
C SER D 7 -8.43 -4.01 -16.54
N PHE D 8 -8.81 -4.45 -17.76
CA PHE D 8 -9.93 -3.87 -18.53
C PHE D 8 -10.83 -4.99 -19.04
N HIS D 9 -11.98 -5.15 -18.40
CA HIS D 9 -13.01 -6.07 -18.85
C HIS D 9 -13.96 -5.29 -19.75
N LYS D 10 -14.07 -5.72 -21.01
CA LYS D 10 -14.77 -4.95 -22.02
C LYS D 10 -16.28 -4.88 -21.78
N ASN D 11 -16.80 -5.79 -20.94
CA ASN D 11 -18.21 -5.77 -20.58
C ASN D 11 -18.50 -5.17 -19.20
N CYS D 12 -17.48 -4.62 -18.55
CA CYS D 12 -17.65 -4.01 -17.24
C CYS D 12 -17.95 -2.52 -17.35
N GLU D 13 -19.09 -2.07 -16.83
CA GLU D 13 -19.49 -0.66 -16.91
C GLU D 13 -18.47 0.26 -16.27
N LEU D 14 -17.78 -0.20 -15.23
CA LEU D 14 -16.79 0.66 -14.54
C LEU D 14 -15.42 0.63 -15.21
N CYS D 15 -15.23 -0.27 -16.18
CA CYS D 15 -14.06 -0.21 -17.05
C CYS D 15 -14.30 0.61 -18.29
N THR D 16 -15.55 0.77 -18.69
CA THR D 16 -15.87 1.35 -19.98
C THR D 16 -16.64 2.66 -19.89
N THR D 17 -17.00 3.08 -18.68
CA THR D 17 -17.63 4.37 -18.47
C THR D 17 -17.03 5.09 -17.27
N ALA D 18 -17.18 6.42 -17.29
CA ALA D 18 -16.74 7.26 -16.17
C ALA D 18 -17.49 6.94 -14.87
N GLY D 19 -18.80 6.73 -14.96
CA GLY D 19 -19.61 6.37 -13.80
C GLY D 19 -20.43 7.53 -13.28
N GLY D 20 -20.20 8.70 -13.89
CA GLY D 20 -20.74 9.96 -13.42
C GLY D 20 -19.86 11.13 -13.82
N GLU D 21 -20.20 12.31 -13.32
CA GLU D 21 -19.39 13.48 -13.51
C GLU D 21 -18.12 13.38 -12.65
N ILE D 22 -16.95 13.42 -13.29
CA ILE D 22 -15.70 13.24 -12.57
C ILE D 22 -15.41 14.50 -11.78
N LEU D 23 -15.12 14.34 -10.49
CA LEU D 23 -14.85 15.47 -9.58
C LEU D 23 -13.38 15.57 -9.18
N TRP D 24 -12.67 14.44 -9.24
CA TRP D 24 -11.29 14.34 -8.82
C TRP D 24 -10.76 13.00 -9.35
N GLN D 25 -9.49 12.96 -9.70
CA GLN D 25 -8.83 11.71 -10.11
C GLN D 25 -7.37 11.71 -9.74
N ASP D 26 -6.85 10.52 -9.58
CA ASP D 26 -5.44 10.29 -9.58
C ASP D 26 -5.15 8.99 -10.31
N ALA D 27 -3.93 8.47 -10.16
CA ALA D 27 -3.52 7.25 -10.83
C ALA D 27 -4.41 6.08 -10.45
N LEU D 28 -4.75 6.02 -9.16
CA LEU D 28 -5.36 4.84 -8.59
C LEU D 28 -6.87 4.82 -8.79
N CYS D 29 -7.51 5.97 -8.67
CA CYS D 29 -8.97 6.00 -8.60
C CYS D 29 -9.52 7.30 -9.10
N ARG D 30 -10.84 7.35 -9.22
CA ARG D 30 -11.56 8.57 -9.57
C ARG D 30 -12.79 8.77 -8.66
N VAL D 31 -13.21 10.02 -8.53
CA VAL D 31 -14.43 10.36 -7.78
C VAL D 31 -15.43 10.95 -8.73
N VAL D 32 -16.64 10.43 -8.66
CA VAL D 32 -17.70 10.92 -9.52
C VAL D 32 -18.92 11.33 -8.70
N HIS D 33 -19.65 12.32 -9.21
CA HIS D 33 -20.99 12.60 -8.76
C HIS D 33 -21.99 11.80 -9.60
N VAL D 34 -22.80 11.00 -8.92
CA VAL D 34 -23.78 10.13 -9.54
C VAL D 34 -25.07 10.93 -9.53
N GLU D 35 -25.69 11.12 -10.67
CA GLU D 35 -26.91 11.94 -10.70
C GLU D 35 -28.10 11.03 -10.36
N ASN D 36 -28.47 11.02 -9.10
CA ASN D 36 -29.52 10.18 -8.59
C ASN D 36 -30.62 11.15 -8.15
N GLN D 37 -31.81 11.06 -8.74
CA GLN D 37 -32.87 12.05 -8.43
C GLN D 37 -33.29 12.10 -6.95
N ASP D 38 -33.09 11.01 -6.22
CA ASP D 38 -33.52 10.89 -4.84
C ASP D 38 -32.41 11.24 -3.86
N TYR D 39 -31.16 11.23 -4.35
CA TYR D 39 -29.96 11.35 -3.51
C TYR D 39 -28.92 12.31 -4.15
N PRO D 40 -29.20 13.61 -4.09
CA PRO D 40 -28.24 14.61 -4.57
C PRO D 40 -27.03 14.60 -3.69
N GLY D 41 -25.84 14.67 -4.28
CA GLY D 41 -24.58 14.50 -3.51
C GLY D 41 -24.07 13.10 -3.38
N PHE D 42 -24.84 12.11 -3.88
CA PHE D 42 -24.37 10.72 -3.98
C PHE D 42 -23.11 10.70 -4.83
N CYS D 43 -21.99 10.29 -4.23
CA CYS D 43 -20.70 10.21 -4.94
C CYS D 43 -20.19 8.79 -4.91
N ARG D 44 -19.32 8.47 -5.87
CA ARG D 44 -18.70 7.18 -5.89
C ARG D 44 -17.20 7.33 -6.07
N VAL D 45 -16.45 6.48 -5.39
CA VAL D 45 -15.01 6.37 -5.58
C VAL D 45 -14.73 5.03 -6.26
N ILE D 46 -14.19 5.12 -7.46
CA ILE D 46 -14.06 3.99 -8.37
C ILE D 46 -12.59 3.75 -8.63
N LEU D 47 -12.17 2.51 -8.41
CA LEU D 47 -10.81 2.12 -8.71
C LEU D 47 -10.64 2.15 -10.23
N ASN D 48 -9.50 2.66 -10.70
CA ASN D 48 -9.33 2.79 -12.12
C ASN D 48 -9.12 1.46 -12.79
N ARG D 49 -8.47 0.51 -12.13
CA ARG D 49 -8.30 -0.78 -12.76
C ARG D 49 -9.37 -1.77 -12.26
N HIS D 50 -9.57 -2.84 -13.04
CA HIS D 50 -10.55 -3.86 -12.70
C HIS D 50 -9.97 -4.78 -11.64
N VAL D 51 -10.44 -4.63 -10.42
CA VAL D 51 -10.08 -5.49 -9.28
C VAL D 51 -11.40 -5.84 -8.58
N LYS D 52 -11.53 -7.09 -8.13
CA LYS D 52 -12.83 -7.56 -7.61
C LYS D 52 -13.10 -7.12 -6.17
N GLU D 53 -12.14 -7.40 -5.28
CA GLU D 53 -12.27 -7.16 -3.83
C GLU D 53 -11.26 -6.13 -3.32
N SER D 55 -9.57 -6.74 -0.62
CA SER D 55 -8.42 -7.50 -0.15
C SER D 55 -7.57 -8.05 -1.29
N ASP D 56 -7.98 -7.79 -2.53
CA ASP D 56 -7.15 -8.07 -3.69
C ASP D 56 -6.05 -7.02 -3.89
N LEU D 57 -6.29 -5.84 -3.35
CA LEU D 57 -5.35 -4.74 -3.35
C LEU D 57 -4.26 -4.89 -2.30
N ARG D 58 -3.09 -4.35 -2.63
CA ARG D 58 -2.00 -4.21 -1.65
C ARG D 58 -2.50 -3.27 -0.54
N PRO D 59 -2.33 -3.64 0.76
CA PRO D 59 -2.75 -2.78 1.89
C PRO D 59 -2.43 -1.26 1.76
N ALA D 60 -1.41 -0.89 0.99
CA ALA D 60 -1.13 0.52 0.68
C ALA D 60 -2.15 1.11 -0.27
N GLU D 61 -2.56 0.31 -1.25
CA GLU D 61 -3.59 0.75 -2.20
C GLU D 61 -4.93 0.81 -1.48
N ARG D 62 -5.15 -0.13 -0.58
CA ARG D 62 -6.32 -0.11 0.29
C ARG D 62 -6.34 1.19 1.08
N ASP D 63 -5.19 1.52 1.67
CA ASP D 63 -5.06 2.70 2.52
C ASP D 63 -5.32 3.93 1.70
N HIS D 64 -4.70 3.98 0.53
CA HIS D 64 -4.87 5.13 -0.31
C HIS D 64 -6.31 5.31 -0.73
N LEU D 65 -6.94 4.23 -1.18
CA LEU D 65 -8.29 4.30 -1.62
C LEU D 65 -9.19 4.80 -0.47
N LEU D 67 -8.42 6.64 2.16
CA LEU D 67 -8.20 8.08 2.36
C LEU D 67 -9.04 8.95 1.40
N VAL D 68 -9.19 8.50 0.16
CA VAL D 68 -10.01 9.25 -0.79
C VAL D 68 -11.50 9.18 -0.40
N VAL D 69 -11.96 7.97 -0.09
CA VAL D 69 -13.32 7.77 0.38
C VAL D 69 -13.65 8.71 1.56
N PHE D 70 -12.75 8.78 2.54
CA PHE D 70 -13.03 9.61 3.70
C PHE D 70 -13.00 11.10 3.39
N ALA D 71 -12.17 11.51 2.43
CA ALA D 71 -12.14 12.90 1.96
C ALA D 71 -13.46 13.24 1.29
N VAL D 72 -14.01 12.27 0.54
CA VAL D 72 -15.30 12.45 -0.12
C VAL D 72 -16.45 12.52 0.90
N GLU D 73 -16.43 11.63 1.90
CA GLU D 73 -17.42 11.71 3.00
C GLU D 73 -17.39 13.10 3.63
N GLU D 74 -16.19 13.56 4.00
CA GLU D 74 -16.05 14.90 4.59
C GLU D 74 -16.59 15.99 3.69
N ALA D 75 -16.31 15.89 2.39
CA ALA D 75 -16.79 16.88 1.44
C ALA D 75 -18.30 16.81 1.33
N VAL D 76 -18.84 15.59 1.32
CA VAL D 76 -20.29 15.43 1.20
C VAL D 76 -20.95 15.97 2.47
N ARG D 77 -20.37 15.68 3.63
CA ARG D 77 -20.92 16.26 4.86
C ARG D 77 -20.95 17.78 4.83
N GLU D 78 -19.84 18.38 4.43
CA GLU D 78 -19.72 19.83 4.44
C GLU D 78 -20.67 20.47 3.45
N VAL D 79 -20.80 19.89 2.27
CA VAL D 79 -21.64 20.52 1.24
C VAL D 79 -23.14 20.22 1.38
N ARG D 81 -24.69 18.70 4.20
CA ARG D 81 -25.18 18.72 5.58
C ARG D 81 -26.29 17.67 5.78
N PRO D 82 -25.96 16.38 5.53
CA PRO D 82 -26.90 15.25 5.67
C PRO D 82 -27.05 14.84 7.13
N ASP D 83 -28.12 14.10 7.42
CA ASP D 83 -28.29 13.51 8.75
C ASP D 83 -27.39 12.33 8.98
N LYS D 84 -27.03 11.63 7.92
CA LYS D 84 -26.14 10.47 8.06
C LYS D 84 -25.41 10.22 6.73
N ILE D 85 -24.19 9.71 6.82
CA ILE D 85 -23.43 9.21 5.67
C ILE D 85 -23.58 7.69 5.62
N ASN D 86 -23.80 7.15 4.43
CA ASN D 86 -23.67 5.73 4.19
C ASN D 86 -22.49 5.46 3.25
N LEU D 87 -21.62 4.51 3.64
CA LEU D 87 -20.51 4.03 2.85
C LEU D 87 -20.73 2.56 2.51
N ALA D 88 -20.54 2.17 1.25
CA ALA D 88 -20.62 0.76 0.90
C ALA D 88 -19.77 0.39 -0.32
N SER D 89 -19.16 -0.80 -0.23
CA SER D 89 -18.59 -1.49 -1.39
C SER D 89 -19.28 -2.85 -1.52
N LEU D 90 -20.12 -2.99 -2.54
CA LEU D 90 -20.90 -4.22 -2.74
C LEU D 90 -20.40 -4.96 -3.95
N GLY D 91 -20.67 -4.48 -5.16
CA GLY D 91 -20.08 -5.04 -6.36
C GLY D 91 -20.65 -6.40 -6.77
N ASN D 92 -21.88 -6.66 -6.35
CA ASN D 92 -22.55 -7.91 -6.72
C ASN D 92 -22.93 -7.91 -8.18
N THR D 94 -21.65 -5.48 -10.46
CA THR D 94 -20.45 -5.03 -11.16
C THR D 94 -19.29 -5.22 -10.19
N PRO D 95 -18.61 -6.37 -10.28
CA PRO D 95 -17.49 -6.69 -9.41
C PRO D 95 -16.14 -6.00 -9.78
N HIS D 96 -16.09 -4.72 -9.49
CA HIS D 96 -15.00 -3.83 -9.83
C HIS D 96 -15.10 -2.83 -8.70
N VAL D 97 -14.05 -2.77 -7.89
CA VAL D 97 -14.10 -2.03 -6.64
C VAL D 97 -14.62 -0.60 -6.89
N HIS D 98 -15.62 -0.25 -6.13
CA HIS D 98 -16.09 1.07 -6.06
C HIS D 98 -16.88 1.26 -4.76
N TRP D 99 -16.81 2.48 -4.24
CA TRP D 99 -17.41 2.84 -2.95
C TRP D 99 -18.49 3.85 -3.20
N HIS D 100 -19.67 3.55 -2.71
CA HIS D 100 -20.77 4.51 -2.67
C HIS D 100 -20.62 5.35 -1.41
N VAL D 101 -20.81 6.65 -1.57
CA VAL D 101 -20.77 7.60 -0.49
C VAL D 101 -22.05 8.39 -0.56
N ILE D 102 -22.97 8.10 0.36
CA ILE D 102 -24.33 8.57 0.20
C ILE D 102 -24.77 9.50 1.33
N PRO D 103 -25.23 10.72 1.00
CA PRO D 103 -25.79 11.56 2.02
C PRO D 103 -27.26 11.17 2.24
N ARG D 104 -27.58 10.87 3.50
CA ARG D 104 -28.92 10.48 3.92
C ARG D 104 -29.56 11.56 4.76
N PHE D 105 -30.90 11.67 4.63
CA PHE D 105 -31.73 12.57 5.44
C PHE D 105 -32.85 11.78 6.12
N LYS D 106 -33.31 12.28 7.27
CA LYS D 106 -34.33 11.53 8.04
C LYS D 106 -35.65 11.39 7.32
N ARG D 107 -35.92 12.29 6.38
CA ARG D 107 -37.09 12.22 5.51
C ARG D 107 -36.78 12.03 3.99
N ASP D 108 -35.66 11.41 3.69
CA ASP D 108 -35.38 10.93 2.34
C ASP D 108 -36.32 9.74 1.96
N ARG D 109 -36.27 9.35 0.71
CA ARG D 109 -37.14 8.31 0.19
C ARG D 109 -37.15 7.04 1.07
N HIS D 110 -35.99 6.65 1.62
CA HIS D 110 -35.85 5.34 2.23
C HIS D 110 -35.63 5.33 3.74
N PHE D 111 -35.28 6.45 4.36
CA PHE D 111 -34.74 6.43 5.74
C PHE D 111 -35.76 5.86 6.74
N PRO D 112 -35.32 5.01 7.71
CA PRO D 112 -33.97 4.54 8.01
C PRO D 112 -33.60 3.25 7.27
N ASN D 113 -34.30 2.88 6.21
CA ASN D 113 -33.79 1.77 5.37
C ASN D 113 -32.57 2.22 4.58
N SER D 114 -31.79 1.26 4.06
CA SER D 114 -30.71 1.57 3.09
C SER D 114 -31.41 2.06 1.87
N VAL D 115 -30.64 2.67 0.96
CA VAL D 115 -31.23 3.12 -0.28
C VAL D 115 -31.59 1.97 -1.19
N TRP D 116 -31.07 0.79 -0.89
CA TRP D 116 -31.41 -0.47 -1.59
C TRP D 116 -32.64 -1.19 -1.05
N GLY D 117 -33.21 -0.71 0.05
CA GLY D 117 -34.31 -1.37 0.68
C GLY D 117 -35.64 -0.81 0.21
N GLU D 118 -36.66 -0.94 1.05
CA GLU D 118 -38.01 -0.48 0.72
C GLU D 118 -38.16 1.03 0.81
N THR D 119 -38.80 1.61 -0.18
CA THR D 119 -39.22 3.00 -0.10
C THR D 119 -40.20 3.24 1.06
N LYS D 120 -39.99 4.32 1.82
CA LYS D 120 -40.80 4.65 2.99
C LYS D 120 -41.65 5.87 2.73
N ARG D 121 -41.21 6.78 1.90
CA ARG D 121 -42.04 7.99 1.70
C ARG D 121 -41.81 8.67 0.38
N GLU D 122 -42.70 9.59 0.05
CA GLU D 122 -42.52 10.48 -1.09
C GLU D 122 -41.44 11.51 -0.72
N SER D 123 -40.50 11.67 -1.62
CA SER D 123 -39.49 12.71 -1.48
C SER D 123 -39.19 13.22 -2.89
N LEU D 124 -39.01 14.53 -3.04
CA LEU D 124 -38.57 15.11 -4.31
C LEU D 124 -37.46 16.15 -4.04
N PRO D 125 -36.24 15.67 -3.68
CA PRO D 125 -35.13 16.59 -3.33
C PRO D 125 -34.56 17.34 -4.54
N GLN D 126 -34.13 18.58 -4.32
CA GLN D 126 -33.59 19.41 -5.39
C GLN D 126 -32.22 18.90 -5.82
N ALA D 127 -32.06 18.63 -7.11
CA ALA D 127 -30.80 18.19 -7.71
C ALA D 127 -29.72 19.27 -7.54
N LEU D 128 -28.45 18.86 -7.59
CA LEU D 128 -27.34 19.77 -7.32
C LEU D 128 -27.17 20.90 -8.35
N ASP D 129 -26.92 22.11 -7.85
CA ASP D 129 -26.55 23.24 -8.71
C ASP D 129 -25.08 23.08 -9.13
N GLN D 130 -24.67 23.86 -10.13
CA GLN D 130 -23.28 23.93 -10.54
C GLN D 130 -22.44 24.31 -9.33
N GLY D 131 -22.98 25.24 -8.54
CA GLY D 131 -22.35 25.69 -7.30
C GLY D 131 -22.02 24.57 -6.33
N SER D 132 -22.97 23.66 -6.15
CA SER D 132 -22.82 22.55 -5.21
C SER D 132 -21.78 21.58 -5.74
N THR D 133 -21.87 21.32 -7.04
CA THR D 133 -20.93 20.41 -7.68
C THR D 133 -19.52 21.00 -7.57
N THR D 134 -19.40 22.30 -7.81
CA THR D 134 -18.11 22.99 -7.65
C THR D 134 -17.59 22.90 -6.23
N ALA D 135 -18.48 23.17 -5.28
CA ALA D 135 -18.17 23.05 -3.85
C ALA D 135 -17.61 21.72 -3.46
N LEU D 136 -18.23 20.63 -3.92
CA LEU D 136 -17.73 19.27 -3.67
C LEU D 136 -16.35 19.08 -4.24
N LYS D 137 -16.14 19.52 -5.48
CA LYS D 137 -14.82 19.40 -6.13
C LYS D 137 -13.77 20.11 -5.29
N LYS D 138 -14.07 21.36 -4.92
CA LYS D 138 -13.17 22.16 -4.08
C LYS D 138 -12.87 21.47 -2.77
N ALA D 139 -13.91 20.97 -2.09
CA ALA D 139 -13.74 20.34 -0.80
C ALA D 139 -12.94 19.06 -0.88
N ILE D 140 -13.15 18.28 -1.93
CA ILE D 140 -12.34 17.08 -2.12
C ILE D 140 -10.87 17.49 -2.39
N SER D 141 -10.67 18.49 -3.25
CA SER D 141 -9.31 18.88 -3.63
C SER D 141 -8.50 19.41 -2.45
N VAL D 142 -9.09 20.25 -1.61
CA VAL D 142 -8.34 20.82 -0.49
C VAL D 142 -7.80 19.72 0.44
N ARG D 143 -8.51 18.59 0.46
CA ARG D 143 -8.17 17.48 1.35
C ARG D 143 -7.17 16.50 0.73
N LEU D 144 -7.16 16.42 -0.60
CA LEU D 144 -6.35 15.44 -1.28
C LEU D 144 -5.17 16.02 -2.07
N ASP D 145 -5.23 17.27 -2.52
CA ASP D 145 -4.15 17.85 -3.34
C ASP D 145 -3.13 18.61 -2.50
#